data_6BQ4
#
_entry.id   6BQ4
#
_cell.length_a   81.040
_cell.length_b   81.040
_cell.length_c   163.800
_cell.angle_alpha   90.00
_cell.angle_beta   90.00
_cell.angle_gamma   90.00
#
_symmetry.space_group_name_H-M   'P 43 21 2'
#
loop_
_entity.id
_entity.type
_entity.pdbx_description
1 polymer 'Thermospermine synthase ACAULIS protein'
2 non-polymer ADENOSINE
3 non-polymer 2-[3-(2-HYDROXY-1,1-DIHYDROXYMETHYL-ETHYLAMINO)-PROPYLAMINO]-2-HYDROXYMETHYL-PROPANE-1,3-DIOL
4 non-polymer GLYCEROL
5 non-polymer '2-(N-MORPHOLINO)-ETHANESULFONIC ACID'
6 water water
#
_entity_poly.entity_id   1
_entity_poly.type   'polypeptide(L)'
_entity_poly.pdbx_seq_one_letter_code
;SNAMGEVAYTNGNGNDKSHSPPNGYRKSCWYEEEIEENLRWCFALNSILHTGASQYQDIALLDTKPFGKALVLDGKLQSA
ETDEFIYHECLVHPALLHHPMPKNVFIMGGGEGSTARELLRHKTIDKVVMCDIDEEVVEFCKSYLVVNKEAFHDSRLEVV
INDAKAELEGKEEKYDVIVGDLADPIEGGPCYKLYTKDFYELTLKPKLKKGGIFVTQAGPAGIFSHTEVFSCIYNTLRQV
FKYVVPYSAHIPSYADIWGWVLASDSPLDLSAEELDIRMRQRIIEENRYLDGKTFVSSSTLSKAVRNSLNNETHVYTEGA
ARFIYGHGKNA
;
_entity_poly.pdbx_strand_id   A,B
#
# COMPACT_ATOMS: atom_id res chain seq x y z
N LYS A 27 -27.59 1.82 3.53
CA LYS A 27 -26.91 2.91 4.19
C LYS A 27 -26.92 2.84 5.72
N SER A 28 -27.66 1.92 6.33
CA SER A 28 -28.06 2.15 7.72
C SER A 28 -27.34 1.34 8.81
N CYS A 29 -26.81 0.15 8.50
CA CYS A 29 -26.16 -0.72 9.49
C CYS A 29 -24.65 -0.76 9.25
N TRP A 30 -23.87 -0.57 10.33
CA TRP A 30 -22.42 -0.38 10.27
C TRP A 30 -21.75 -1.16 11.36
N TYR A 31 -20.62 -1.77 11.01
CA TYR A 31 -19.62 -2.19 11.97
C TYR A 31 -18.53 -1.11 12.02
N GLU A 32 -18.17 -0.67 13.21
CA GLU A 32 -17.20 0.36 13.32
C GLU A 32 -16.09 -0.10 14.24
N GLU A 33 -14.86 0.26 13.88
CA GLU A 33 -13.71 -0.11 14.68
C GLU A 33 -12.78 1.10 14.73
N GLU A 34 -12.26 1.40 15.91
CA GLU A 34 -11.26 2.43 16.07
C GLU A 34 -9.94 1.68 15.87
N ILE A 35 -9.39 1.82 14.67
CA ILE A 35 -8.24 1.07 14.29
C ILE A 35 -6.97 1.75 14.73
N GLU A 36 -6.98 3.07 14.93
CA GLU A 36 -5.94 3.76 15.68
C GLU A 36 -6.73 4.72 16.53
N GLU A 37 -6.15 5.31 17.57
CA GLU A 37 -6.98 6.27 18.33
C GLU A 37 -7.21 7.50 17.44
N ASN A 38 -8.43 8.00 17.50
CA ASN A 38 -8.90 9.09 16.69
C ASN A 38 -9.20 8.69 15.23
N LEU A 39 -9.36 7.40 14.95
CA LEU A 39 -9.52 6.93 13.57
C LEU A 39 -10.46 5.78 13.54
N ARG A 40 -11.61 5.98 12.93
CA ARG A 40 -12.60 4.94 12.82
C ARG A 40 -12.74 4.51 11.38
N TRP A 41 -12.94 3.21 11.23
CA TRP A 41 -13.03 2.58 9.96
C TRP A 41 -14.31 1.81 10.03
N CYS A 42 -15.25 2.09 9.12
CA CYS A 42 -16.61 1.55 9.24
C CYS A 42 -17.04 0.83 8.00
N PHE A 43 -17.59 -0.37 8.19
CA PHE A 43 -18.04 -1.23 7.09
C PHE A 43 -19.55 -1.36 7.18
N ALA A 44 -20.25 -1.16 6.06
CA ALA A 44 -21.70 -1.42 5.95
C ALA A 44 -21.96 -2.89 6.26
N LEU A 45 -22.96 -3.20 7.07
CA LEU A 45 -23.24 -4.56 7.47
C LEU A 45 -24.53 -5.08 6.82
N ASN A 46 -24.47 -6.31 6.31
CA ASN A 46 -25.65 -7.07 5.91
C ASN A 46 -26.17 -7.83 7.11
N SER A 47 -25.32 -8.51 7.88
CA SER A 47 -25.81 -9.11 9.11
C SER A 47 -24.72 -9.56 10.05
N ILE A 48 -25.12 -10.10 11.18
CA ILE A 48 -24.18 -10.71 12.11
C ILE A 48 -24.50 -12.18 12.09
N LEU A 49 -23.62 -12.97 11.51
CA LEU A 49 -23.94 -14.31 11.11
C LEU A 49 -23.88 -15.25 12.25
N HIS A 50 -22.78 -15.21 12.98
CA HIS A 50 -22.63 -16.10 14.09
C HIS A 50 -21.71 -15.48 15.09
N THR A 51 -21.97 -15.77 16.35
CA THR A 51 -21.11 -15.35 17.42
C THR A 51 -20.58 -16.58 18.12
N GLY A 52 -19.59 -16.37 18.96
CA GLY A 52 -18.96 -17.44 19.67
C GLY A 52 -18.10 -16.82 20.75
N ALA A 53 -17.51 -17.66 21.59
CA ALA A 53 -16.60 -17.15 22.61
C ALA A 53 -15.75 -18.26 23.14
N SER A 54 -14.67 -17.87 23.82
CA SER A 54 -13.74 -18.82 24.45
C SER A 54 -13.16 -18.16 25.69
N GLN A 55 -12.33 -18.88 26.44
CA GLN A 55 -11.58 -18.26 27.53
C GLN A 55 -10.66 -17.13 27.08
N TYR A 56 -10.32 -17.09 25.79
CA TYR A 56 -9.33 -16.14 25.29
C TYR A 56 -9.92 -14.93 24.59
N GLN A 57 -11.09 -15.05 23.95
CA GLN A 57 -11.58 -13.96 23.12
C GLN A 57 -13.06 -14.12 22.71
N ASP A 58 -13.68 -13.00 22.40
CA ASP A 58 -14.98 -13.00 21.74
C ASP A 58 -14.78 -13.26 20.27
N ILE A 59 -15.76 -13.88 19.64
CA ILE A 59 -15.65 -14.32 18.27
C ILE A 59 -16.90 -13.91 17.56
N ALA A 60 -16.74 -13.34 16.38
CA ALA A 60 -17.89 -12.93 15.57
C ALA A 60 -17.58 -13.15 14.13
N LEU A 61 -18.59 -13.59 13.38
CA LEU A 61 -18.55 -13.58 11.95
C LEU A 61 -19.62 -12.60 11.48
N LEU A 62 -19.18 -11.49 10.89
CA LEU A 62 -20.07 -10.46 10.34
C LEU A 62 -20.26 -10.68 8.86
N ASP A 63 -21.38 -10.33 8.28
CA ASP A 63 -21.45 -10.32 6.83
C ASP A 63 -21.42 -8.84 6.50
N THR A 64 -20.35 -8.39 5.84
CA THR A 64 -20.15 -6.97 5.56
C THR A 64 -20.30 -6.74 4.08
N LYS A 65 -20.66 -5.52 3.70
CA LYS A 65 -20.88 -5.24 2.28
C LYS A 65 -19.60 -5.04 1.55
N PRO A 66 -18.66 -4.19 2.05
CA PRO A 66 -17.50 -4.01 1.18
C PRO A 66 -16.55 -5.21 1.15
N PHE A 67 -16.49 -6.00 2.21
CA PHE A 67 -15.47 -7.07 2.33
C PHE A 67 -15.99 -8.51 2.55
N GLY A 68 -17.31 -8.74 2.40
CA GLY A 68 -17.89 -10.07 2.53
C GLY A 68 -17.80 -10.51 3.96
N LYS A 69 -17.72 -11.80 4.20
CA LYS A 69 -17.74 -12.32 5.57
C LYS A 69 -16.45 -11.97 6.29
N ALA A 70 -16.56 -11.48 7.51
CA ALA A 70 -15.40 -10.95 8.24
C ALA A 70 -15.33 -11.56 9.64
N LEU A 71 -14.19 -12.14 9.97
CA LEU A 71 -13.96 -12.72 11.28
C LEU A 71 -13.43 -11.64 12.16
N VAL A 72 -14.05 -11.45 13.32
CA VAL A 72 -13.67 -10.43 14.27
C VAL A 72 -13.43 -11.04 15.63
N LEU A 73 -12.26 -10.78 16.21
CA LEU A 73 -11.86 -11.34 17.47
C LEU A 73 -11.63 -10.21 18.44
N ASP A 74 -12.23 -10.29 19.62
CA ASP A 74 -12.29 -9.17 20.53
C ASP A 74 -12.61 -7.89 19.82
N GLY A 75 -13.56 -7.89 18.90
CA GLY A 75 -13.86 -6.64 18.21
C GLY A 75 -12.72 -6.02 17.38
N LYS A 76 -11.75 -6.84 16.97
CA LYS A 76 -10.72 -6.47 16.01
C LYS A 76 -10.86 -7.37 14.80
N LEU A 77 -10.97 -6.75 13.65
CA LEU A 77 -11.03 -7.49 12.42
C LEU A 77 -9.75 -8.36 12.22
N GLN A 78 -9.94 -9.65 11.89
CA GLN A 78 -8.84 -10.53 11.51
C GLN A 78 -8.75 -10.79 10.03
N SER A 79 -9.85 -11.22 9.43
CA SER A 79 -9.82 -11.66 8.06
C SER A 79 -11.11 -11.34 7.42
N ALA A 80 -11.06 -10.88 6.19
CA ALA A 80 -12.24 -10.56 5.44
C ALA A 80 -12.24 -11.36 4.14
N GLU A 81 -13.40 -11.91 3.84
CA GLU A 81 -13.55 -12.85 2.75
C GLU A 81 -12.98 -12.28 1.47
N THR A 82 -13.14 -11.00 1.16
CA THR A 82 -12.72 -10.59 -0.16
C THR A 82 -11.24 -10.32 -0.30
N ASP A 83 -10.50 -10.17 0.79
CA ASP A 83 -9.10 -9.91 0.61
C ASP A 83 -8.18 -10.66 1.49
N GLU A 84 -8.68 -11.63 2.27
CA GLU A 84 -7.77 -12.46 3.06
C GLU A 84 -6.76 -13.25 2.19
N PHE A 85 -7.08 -13.51 0.91
CA PHE A 85 -6.10 -14.14 0.06
C PHE A 85 -4.77 -13.40 0.01
N ILE A 86 -4.82 -12.07 0.17
CA ILE A 86 -3.62 -11.28 0.05
C ILE A 86 -2.74 -11.65 1.25
N TYR A 87 -3.28 -11.54 2.43
CA TYR A 87 -2.47 -11.83 3.66
C TYR A 87 -1.97 -13.24 3.62
N HIS A 88 -2.84 -14.17 3.21
CA HIS A 88 -2.43 -15.58 3.35
C HIS A 88 -1.46 -16.07 2.26
N GLU A 89 -1.67 -15.62 1.00
CA GLU A 89 -0.67 -15.84 -0.02
C GLU A 89 0.67 -15.25 0.41
N CYS A 90 0.67 -14.02 0.95
CA CYS A 90 1.92 -13.33 1.34
C CYS A 90 2.60 -14.02 2.50
N LEU A 91 1.84 -14.43 3.49
CA LEU A 91 2.47 -15.14 4.60
C LEU A 91 3.12 -16.50 4.19
N VAL A 92 2.50 -17.23 3.25
CA VAL A 92 2.84 -18.62 3.00
C VAL A 92 3.80 -18.87 1.84
N HIS A 93 3.45 -18.36 0.67
CA HIS A 93 4.12 -18.81 -0.52
C HIS A 93 5.59 -18.41 -0.66
N PRO A 94 5.97 -17.15 -0.33
CA PRO A 94 7.41 -16.84 -0.37
C PRO A 94 8.26 -17.81 0.42
N ALA A 95 7.87 -18.15 1.64
CA ALA A 95 8.73 -19.07 2.44
C ALA A 95 8.93 -20.44 1.76
N LEU A 96 7.85 -21.04 1.32
CA LEU A 96 7.91 -22.34 0.70
C LEU A 96 8.61 -22.29 -0.63
N LEU A 97 8.38 -21.22 -1.41
CA LEU A 97 9.01 -21.11 -2.73
C LEU A 97 10.56 -21.00 -2.66
N HIS A 98 11.04 -20.34 -1.59
CA HIS A 98 12.49 -20.21 -1.34
C HIS A 98 13.15 -21.44 -0.81
N HIS A 99 12.36 -22.41 -0.37
CA HIS A 99 12.86 -23.71 0.06
C HIS A 99 13.00 -24.70 -1.12
N PRO A 100 14.10 -25.46 -1.17
CA PRO A 100 14.25 -26.45 -2.29
C PRO A 100 13.21 -27.56 -2.34
N MET A 101 12.81 -28.07 -1.18
CA MET A 101 11.76 -29.09 -1.09
C MET A 101 11.13 -29.07 0.29
N PRO A 102 10.10 -28.20 0.50
CA PRO A 102 9.49 -28.11 1.80
C PRO A 102 8.40 -29.13 1.91
N LYS A 103 8.52 -29.97 2.93
CA LYS A 103 7.65 -31.14 3.02
C LYS A 103 6.74 -31.08 4.25
N ASN A 104 7.34 -30.72 5.40
CA ASN A 104 6.56 -30.56 6.62
C ASN A 104 6.63 -29.11 7.19
N VAL A 105 5.49 -28.62 7.67
N VAL A 105 5.48 -28.65 7.70
CA VAL A 105 5.36 -27.23 8.10
CA VAL A 105 5.31 -27.29 8.14
C VAL A 105 4.49 -27.12 9.35
C VAL A 105 4.61 -27.30 9.47
N PHE A 106 4.97 -26.33 10.30
CA PHE A 106 4.29 -26.11 11.54
C PHE A 106 3.76 -24.66 11.55
N ILE A 107 2.48 -24.51 11.89
CA ILE A 107 1.83 -23.20 11.99
C ILE A 107 1.69 -22.87 13.44
N MET A 108 2.26 -21.76 13.87
CA MET A 108 1.93 -21.18 15.18
C MET A 108 0.68 -20.28 15.03
N GLY A 109 -0.44 -20.75 15.59
CA GLY A 109 -1.68 -20.02 15.53
C GLY A 109 -2.43 -20.60 14.34
N GLY A 110 -3.05 -19.72 13.56
CA GLY A 110 -3.67 -20.17 12.33
C GLY A 110 -5.00 -20.86 12.44
N GLY A 111 -5.69 -20.70 13.57
CA GLY A 111 -7.02 -21.31 13.78
C GLY A 111 -8.07 -20.94 12.74
N GLU A 112 -7.87 -19.82 12.10
CA GLU A 112 -8.75 -19.36 11.07
C GLU A 112 -8.75 -20.31 9.85
N GLY A 113 -7.65 -21.03 9.61
CA GLY A 113 -7.59 -22.10 8.58
C GLY A 113 -7.07 -21.70 7.19
N SER A 114 -6.85 -20.39 6.92
CA SER A 114 -6.50 -20.01 5.55
C SER A 114 -5.04 -20.21 5.28
N THR A 115 -4.20 -20.03 6.31
CA THR A 115 -2.83 -20.33 6.21
C THR A 115 -2.65 -21.80 5.82
N ALA A 116 -3.32 -22.69 6.53
CA ALA A 116 -3.26 -24.11 6.18
C ALA A 116 -3.77 -24.30 4.74
N ARG A 117 -4.88 -23.65 4.38
CA ARG A 117 -5.37 -23.74 3.00
C ARG A 117 -4.29 -23.44 1.99
N GLU A 118 -3.53 -22.34 2.21
CA GLU A 118 -2.51 -21.96 1.23
C GLU A 118 -1.34 -22.94 1.18
N LEU A 119 -0.87 -23.41 2.33
CA LEU A 119 0.18 -24.41 2.40
C LEU A 119 -0.16 -25.69 1.61
N LEU A 120 -1.38 -26.11 1.74
CA LEU A 120 -1.82 -27.40 1.20
C LEU A 120 -2.00 -27.38 -0.31
N ARG A 121 -1.93 -26.17 -0.88
CA ARG A 121 -1.82 -25.98 -2.32
C ARG A 121 -0.47 -26.45 -2.89
N HIS A 122 0.52 -26.62 -2.01
CA HIS A 122 1.82 -27.02 -2.46
C HIS A 122 1.85 -28.55 -2.61
N LYS A 123 2.21 -29.00 -3.81
CA LYS A 123 2.44 -30.44 -4.12
C LYS A 123 3.57 -31.07 -3.26
N THR A 124 4.57 -30.28 -2.88
CA THR A 124 5.66 -30.79 -2.05
C THR A 124 5.26 -31.17 -0.62
N ILE A 125 4.14 -30.63 -0.11
CA ILE A 125 3.86 -30.65 1.31
C ILE A 125 3.21 -31.94 1.66
N ASP A 126 3.73 -32.64 2.65
CA ASP A 126 3.12 -33.90 3.08
C ASP A 126 2.55 -33.83 4.50
N LYS A 127 2.96 -32.85 5.30
CA LYS A 127 2.39 -32.67 6.61
C LYS A 127 2.33 -31.17 7.00
N VAL A 128 1.15 -30.76 7.49
CA VAL A 128 0.90 -29.46 8.11
C VAL A 128 0.34 -29.65 9.54
N VAL A 129 1.08 -29.17 10.54
CA VAL A 129 0.57 -29.03 11.89
C VAL A 129 0.10 -27.61 12.14
N MET A 130 -1.18 -27.44 12.55
CA MET A 130 -1.73 -26.14 13.01
C MET A 130 -1.83 -26.20 14.51
N CYS A 131 -1.02 -25.39 15.17
CA CYS A 131 -1.00 -25.34 16.63
C CYS A 131 -1.54 -24.05 17.19
N ASP A 132 -2.85 -24.04 17.46
CA ASP A 132 -3.60 -22.85 17.96
C ASP A 132 -4.04 -23.10 19.38
N ILE A 133 -3.85 -22.12 20.23
CA ILE A 133 -4.17 -22.24 21.64
C ILE A 133 -5.68 -22.24 21.96
N ASP A 134 -6.50 -21.81 21.00
CA ASP A 134 -7.93 -21.65 21.22
C ASP A 134 -8.80 -22.59 20.40
N GLU A 135 -9.26 -23.68 21.01
CA GLU A 135 -10.08 -24.65 20.29
C GLU A 135 -11.38 -24.10 19.73
N GLU A 136 -11.96 -23.17 20.45
CA GLU A 136 -13.16 -22.49 20.01
C GLU A 136 -13.00 -21.69 18.74
N VAL A 137 -11.84 -21.06 18.58
CA VAL A 137 -11.60 -20.36 17.32
C VAL A 137 -11.55 -21.36 16.18
N VAL A 138 -10.85 -22.47 16.40
CA VAL A 138 -10.68 -23.48 15.37
C VAL A 138 -12.03 -24.04 15.02
N GLU A 139 -12.82 -24.37 16.03
CA GLU A 139 -14.13 -25.01 15.78
C GLU A 139 -15.08 -24.06 15.09
N PHE A 140 -15.06 -22.81 15.49
CA PHE A 140 -15.88 -21.77 14.85
C PHE A 140 -15.54 -21.62 13.39
N CYS A 141 -14.25 -21.43 13.08
CA CYS A 141 -13.84 -21.30 11.67
C CYS A 141 -14.07 -22.56 10.86
N LYS A 142 -13.89 -23.72 11.47
CA LYS A 142 -14.21 -24.97 10.80
C LYS A 142 -15.67 -25.09 10.47
N SER A 143 -16.50 -24.62 11.38
CA SER A 143 -17.95 -24.63 11.17
C SER A 143 -18.41 -23.65 10.11
N TYR A 144 -17.82 -22.46 10.10
CA TYR A 144 -18.43 -21.31 9.40
C TYR A 144 -17.65 -20.68 8.25
N LEU A 145 -16.37 -21.00 8.10
CA LEU A 145 -15.60 -20.53 6.93
C LEU A 145 -15.60 -21.54 5.78
N VAL A 146 -16.59 -21.40 4.89
CA VAL A 146 -16.79 -22.34 3.79
C VAL A 146 -15.50 -22.53 2.98
N VAL A 147 -14.77 -21.43 2.77
CA VAL A 147 -13.57 -21.47 1.94
C VAL A 147 -12.49 -22.42 2.46
N ASN A 148 -12.45 -22.64 3.78
CA ASN A 148 -11.44 -23.51 4.40
C ASN A 148 -11.96 -24.90 4.77
N LYS A 149 -13.16 -25.28 4.31
CA LYS A 149 -13.68 -26.65 4.66
C LYS A 149 -12.81 -27.79 4.20
N GLU A 150 -12.52 -27.81 2.90
CA GLU A 150 -11.57 -28.77 2.32
C GLU A 150 -10.23 -28.78 3.08
N ALA A 151 -9.63 -27.60 3.24
CA ALA A 151 -8.34 -27.54 3.96
C ALA A 151 -8.42 -28.19 5.35
N PHE A 152 -9.42 -27.88 6.12
CA PHE A 152 -9.52 -28.42 7.48
C PHE A 152 -9.66 -29.93 7.45
N HIS A 153 -10.09 -30.47 6.32
CA HIS A 153 -10.30 -31.91 6.21
C HIS A 153 -9.33 -32.70 5.36
N ASP A 154 -8.27 -32.01 4.99
CA ASP A 154 -7.14 -32.60 4.28
C ASP A 154 -6.41 -33.49 5.28
N SER A 155 -6.15 -34.73 4.89
CA SER A 155 -5.54 -35.69 5.78
C SER A 155 -4.08 -35.33 6.07
N ARG A 156 -3.48 -34.38 5.31
CA ARG A 156 -2.13 -33.86 5.66
C ARG A 156 -2.06 -32.99 6.90
N LEU A 157 -3.22 -32.50 7.32
CA LEU A 157 -3.34 -31.50 8.42
C LEU A 157 -3.56 -32.19 9.75
N GLU A 158 -2.76 -31.84 10.71
CA GLU A 158 -2.98 -32.21 12.09
C GLU A 158 -3.27 -30.91 12.85
N VAL A 159 -4.41 -30.89 13.55
CA VAL A 159 -4.73 -29.77 14.44
C VAL A 159 -4.29 -30.10 15.84
N VAL A 160 -3.50 -29.25 16.43
CA VAL A 160 -3.09 -29.39 17.83
C VAL A 160 -3.58 -28.16 18.57
N ILE A 161 -4.18 -28.38 19.76
CA ILE A 161 -4.66 -27.28 20.63
C ILE A 161 -3.67 -27.12 21.77
N ASN A 162 -2.82 -26.09 21.67
CA ASN A 162 -1.83 -25.83 22.70
C ASN A 162 -1.16 -24.51 22.38
N ASP A 163 -0.60 -23.90 23.42
CA ASP A 163 0.34 -22.81 23.23
C ASP A 163 1.50 -23.35 22.34
N ALA A 164 1.82 -22.61 21.26
CA ALA A 164 2.83 -23.09 20.27
C ALA A 164 4.21 -23.15 20.88
N LYS A 165 4.49 -22.31 21.88
CA LYS A 165 5.80 -22.29 22.53
C LYS A 165 5.99 -23.64 23.27
N ALA A 166 4.99 -23.99 24.06
CA ALA A 166 4.98 -25.26 24.81
C ALA A 166 5.03 -26.45 23.87
N GLU A 167 4.24 -26.42 22.80
CA GLU A 167 4.20 -27.50 21.83
C GLU A 167 5.56 -27.73 21.16
N LEU A 168 6.18 -26.64 20.67
CA LEU A 168 7.51 -26.71 20.06
C LEU A 168 8.57 -27.22 21.04
N GLU A 169 8.56 -26.73 22.28
CA GLU A 169 9.47 -27.27 23.32
C GLU A 169 9.32 -28.79 23.60
N GLY A 170 8.10 -29.22 23.85
CA GLY A 170 7.86 -30.58 24.32
C GLY A 170 7.92 -31.63 23.23
N LYS A 171 8.06 -31.24 21.97
CA LYS A 171 8.16 -32.22 20.90
C LYS A 171 9.47 -32.06 20.17
N GLU A 172 10.00 -33.19 19.75
CA GLU A 172 11.32 -33.22 19.17
C GLU A 172 11.28 -33.01 17.65
N GLU A 173 10.12 -33.09 17.01
CA GLU A 173 10.07 -33.04 15.55
C GLU A 173 10.54 -31.67 14.98
N LYS A 174 11.36 -31.74 13.94
CA LYS A 174 11.85 -30.60 13.21
C LYS A 174 11.02 -30.37 11.96
N TYR A 175 11.09 -29.16 11.39
CA TYR A 175 10.25 -28.78 10.22
C TYR A 175 11.09 -28.03 9.21
N ASP A 176 10.70 -28.17 7.94
CA ASP A 176 11.29 -27.40 6.84
C ASP A 176 10.90 -25.95 6.90
N VAL A 177 9.62 -25.67 7.25
CA VAL A 177 9.09 -24.31 7.36
C VAL A 177 8.29 -24.19 8.61
N ILE A 178 8.56 -23.15 9.36
CA ILE A 178 7.68 -22.76 10.48
C ILE A 178 7.07 -21.40 10.20
N VAL A 179 5.75 -21.31 10.42
CA VAL A 179 4.94 -20.14 10.07
C VAL A 179 4.32 -19.52 11.32
N GLY A 180 4.67 -18.28 11.61
CA GLY A 180 3.99 -17.47 12.63
C GLY A 180 2.73 -16.73 12.13
N ASP A 181 1.55 -17.21 12.55
CA ASP A 181 0.25 -16.61 12.22
C ASP A 181 -0.42 -16.16 13.52
N LEU A 182 0.34 -15.47 14.33
CA LEU A 182 -0.12 -14.99 15.62
C LEU A 182 -0.54 -13.50 15.62
N ALA A 183 -1.09 -13.06 16.75
CA ALA A 183 -1.32 -11.65 16.99
C ALA A 183 0.01 -10.89 17.14
N ASP A 184 -0.05 -9.57 17.13
CA ASP A 184 1.11 -8.72 17.30
C ASP A 184 1.68 -8.87 18.72
N PRO A 185 2.99 -8.71 18.87
CA PRO A 185 3.61 -8.70 20.19
C PRO A 185 3.43 -7.39 20.95
N ILE A 186 2.49 -7.39 21.89
CA ILE A 186 2.28 -6.28 22.82
C ILE A 186 2.32 -6.89 24.25
N GLU A 187 3.16 -6.30 25.12
CA GLU A 187 3.65 -6.97 26.37
C GLU A 187 2.49 -7.30 27.33
N GLY A 188 2.50 -8.52 27.85
CA GLY A 188 1.34 -9.09 28.52
C GLY A 188 0.33 -9.77 27.60
N GLY A 189 0.58 -9.82 26.28
CA GLY A 189 -0.28 -10.57 25.37
C GLY A 189 0.03 -12.05 25.47
N PRO A 190 -0.94 -12.91 25.13
CA PRO A 190 -0.59 -14.34 25.00
C PRO A 190 0.43 -14.63 23.86
N CYS A 191 0.79 -13.61 23.07
CA CYS A 191 1.66 -13.78 21.90
C CYS A 191 3.07 -13.24 22.08
N TYR A 192 3.27 -12.30 22.99
CA TYR A 192 4.57 -11.66 23.13
C TYR A 192 5.76 -12.65 23.12
N LYS A 193 5.64 -13.71 23.91
CA LYS A 193 6.76 -14.63 24.13
C LYS A 193 7.19 -15.30 22.80
N LEU A 194 6.27 -15.40 21.84
CA LEU A 194 6.56 -15.99 20.54
C LEU A 194 7.26 -15.05 19.51
N TYR A 195 7.73 -13.90 19.99
CA TYR A 195 8.53 -12.96 19.20
C TYR A 195 9.89 -12.58 19.85
N THR A 196 10.27 -13.25 20.95
CA THR A 196 11.52 -12.89 21.67
C THR A 196 12.74 -13.57 21.06
N LYS A 197 13.88 -12.94 21.24
CA LYS A 197 15.17 -13.50 20.80
C LYS A 197 15.38 -14.90 21.34
N ASP A 198 15.05 -15.12 22.61
CA ASP A 198 15.25 -16.39 23.25
C ASP A 198 14.33 -17.46 22.70
N PHE A 199 13.05 -17.14 22.55
CA PHE A 199 12.14 -18.05 21.87
C PHE A 199 12.75 -18.52 20.52
N TYR A 200 13.17 -17.55 19.69
CA TYR A 200 13.72 -17.88 18.38
C TYR A 200 15.01 -18.72 18.46
N GLU A 201 15.88 -18.30 19.34
CA GLU A 201 17.16 -18.94 19.49
C GLU A 201 17.07 -20.33 20.07
N LEU A 202 16.33 -20.43 21.16
CA LEU A 202 16.34 -21.59 22.06
C LEU A 202 15.25 -22.55 21.73
N THR A 203 14.10 -22.05 21.21
CA THR A 203 12.98 -22.97 20.96
C THR A 203 12.74 -23.19 19.45
N LEU A 204 12.79 -22.12 18.67
CA LEU A 204 12.30 -22.21 17.30
C LEU A 204 13.37 -22.77 16.37
N LYS A 205 14.51 -22.09 16.33
CA LYS A 205 15.64 -22.49 15.49
C LYS A 205 16.05 -23.95 15.64
N PRO A 206 16.22 -24.43 16.90
CA PRO A 206 16.46 -25.87 17.04
C PRO A 206 15.39 -26.77 16.38
N LYS A 207 14.19 -26.25 16.11
CA LYS A 207 13.18 -27.08 15.48
C LYS A 207 13.05 -26.91 13.99
N LEU A 208 13.95 -26.13 13.40
CA LEU A 208 14.07 -26.06 11.94
C LEU A 208 15.09 -27.11 11.46
N LYS A 209 14.72 -27.86 10.42
CA LYS A 209 15.66 -28.73 9.69
C LYS A 209 16.76 -27.88 9.03
N LYS A 210 17.83 -28.55 8.59
CA LYS A 210 18.90 -27.92 7.82
C LYS A 210 18.29 -27.35 6.56
N GLY A 211 18.62 -26.11 6.27
CA GLY A 211 18.01 -25.35 5.19
C GLY A 211 16.58 -24.89 5.48
N GLY A 212 16.15 -24.94 6.74
CA GLY A 212 14.80 -24.56 7.12
C GLY A 212 14.57 -23.05 7.09
N ILE A 213 13.32 -22.67 6.86
CA ILE A 213 12.89 -21.26 6.74
C ILE A 213 11.75 -21.01 7.76
N PHE A 214 11.91 -19.91 8.50
CA PHE A 214 10.87 -19.33 9.32
C PHE A 214 10.26 -18.14 8.61
N VAL A 215 8.95 -17.99 8.72
CA VAL A 215 8.27 -16.73 8.32
C VAL A 215 7.31 -16.38 9.38
N THR A 216 7.22 -15.09 9.69
CA THR A 216 6.16 -14.66 10.61
C THR A 216 5.49 -13.44 10.07
N GLN A 217 4.20 -13.32 10.33
CA GLN A 217 3.49 -12.02 10.23
C GLN A 217 4.20 -11.01 11.15
N ALA A 218 4.23 -9.75 10.73
CA ALA A 218 5.04 -8.75 11.46
C ALA A 218 4.37 -7.41 11.70
N GLY A 219 3.05 -7.42 11.71
CA GLY A 219 2.29 -6.28 12.15
C GLY A 219 2.19 -5.25 11.04
N PRO A 220 1.71 -4.06 11.40
CA PRO A 220 1.56 -2.94 10.50
C PRO A 220 2.89 -2.55 9.87
N ALA A 221 2.86 -2.16 8.59
CA ALA A 221 4.05 -1.77 7.89
C ALA A 221 3.87 -0.51 7.06
N GLY A 222 3.04 0.38 7.54
CA GLY A 222 2.71 1.63 6.90
C GLY A 222 3.84 2.59 7.17
N ILE A 223 3.83 3.66 6.42
CA ILE A 223 4.84 4.66 6.54
C ILE A 223 5.10 5.11 8.00
N PHE A 224 4.09 5.33 8.83
CA PHE A 224 4.34 5.60 10.27
C PHE A 224 4.02 4.42 11.18
N SER A 225 3.11 3.54 10.81
CA SER A 225 2.81 2.40 11.71
C SER A 225 3.89 1.33 11.74
N HIS A 226 4.79 1.31 10.75
CA HIS A 226 5.88 0.28 10.74
C HIS A 226 6.81 0.31 11.95
N THR A 227 6.83 1.41 12.70
CA THR A 227 7.65 1.48 13.92
C THR A 227 7.01 0.84 15.16
N GLU A 228 5.74 0.44 15.10
CA GLU A 228 5.13 -0.14 16.29
C GLU A 228 5.76 -1.49 16.59
N VAL A 229 5.67 -2.45 15.66
CA VAL A 229 6.32 -3.76 15.82
C VAL A 229 7.16 -4.28 14.65
N PHE A 230 6.91 -3.85 13.42
CA PHE A 230 7.60 -4.45 12.25
C PHE A 230 9.09 -4.28 12.36
N SER A 231 9.59 -3.10 12.70
CA SER A 231 11.02 -2.94 12.72
C SER A 231 11.64 -3.72 13.87
N CYS A 232 11.00 -3.78 15.03
CA CYS A 232 11.46 -4.70 16.12
C CYS A 232 11.45 -6.18 15.81
N ILE A 233 10.39 -6.63 15.15
CA ILE A 233 10.37 -8.03 14.77
C ILE A 233 11.53 -8.36 13.78
N TYR A 234 11.71 -7.51 12.77
CA TYR A 234 12.86 -7.62 11.86
C TYR A 234 14.18 -7.63 12.66
N ASN A 235 14.34 -6.67 13.56
CA ASN A 235 15.63 -6.53 14.22
C ASN A 235 15.97 -7.72 15.15
N THR A 236 14.94 -8.19 15.83
CA THR A 236 15.02 -9.34 16.69
C THR A 236 15.39 -10.60 15.92
N LEU A 237 14.74 -10.84 14.77
CA LEU A 237 15.14 -11.97 13.93
C LEU A 237 16.58 -11.82 13.39
N ARG A 238 17.01 -10.59 13.10
CA ARG A 238 18.40 -10.32 12.71
C ARG A 238 19.43 -10.78 13.78
N GLN A 239 19.04 -10.92 15.02
CA GLN A 239 20.01 -11.32 16.04
C GLN A 239 20.17 -12.81 16.10
N VAL A 240 19.42 -13.58 15.28
CA VAL A 240 19.37 -15.04 15.43
C VAL A 240 19.62 -15.77 14.10
N PHE A 241 19.11 -15.25 12.97
CA PHE A 241 19.29 -15.84 11.66
C PHE A 241 20.22 -15.02 10.76
N LYS A 242 20.98 -15.74 9.93
CA LYS A 242 21.97 -15.11 9.08
C LYS A 242 21.30 -14.25 8.02
N TYR A 243 20.17 -14.75 7.50
CA TYR A 243 19.44 -14.12 6.37
C TYR A 243 18.02 -13.77 6.79
N VAL A 244 17.69 -12.47 6.69
CA VAL A 244 16.39 -11.96 7.08
C VAL A 244 15.84 -11.04 6.00
N VAL A 245 14.71 -11.43 5.41
CA VAL A 245 14.08 -10.63 4.37
C VAL A 245 12.70 -10.15 4.81
N PRO A 246 12.57 -8.85 5.08
CA PRO A 246 11.24 -8.26 5.38
C PRO A 246 10.50 -7.87 4.11
N TYR A 247 9.17 -7.94 4.16
CA TYR A 247 8.34 -7.57 2.98
C TYR A 247 6.93 -7.16 3.42
N SER A 248 6.18 -6.50 2.52
CA SER A 248 4.94 -5.88 2.91
C SER A 248 3.98 -5.76 1.74
N ALA A 249 2.69 -5.66 2.04
CA ALA A 249 1.65 -5.49 1.05
C ALA A 249 0.44 -4.81 1.69
N HIS A 250 -0.27 -4.04 0.89
CA HIS A 250 -1.50 -3.41 1.28
C HIS A 250 -2.60 -4.48 1.46
N ILE A 251 -3.31 -4.37 2.57
CA ILE A 251 -4.51 -5.15 2.82
C ILE A 251 -5.67 -4.18 2.94
N PRO A 252 -6.56 -4.12 1.92
CA PRO A 252 -7.60 -3.09 1.88
C PRO A 252 -8.46 -2.97 3.15
N SER A 253 -8.86 -4.13 3.70
CA SER A 253 -9.74 -4.20 4.81
C SER A 253 -9.07 -3.79 6.11
N TYR A 254 -7.75 -3.80 6.15
CA TYR A 254 -7.00 -3.30 7.30
C TYR A 254 -6.70 -1.82 7.22
N ALA A 255 -6.98 -1.20 6.07
CA ALA A 255 -6.56 0.17 5.78
C ALA A 255 -5.10 0.49 6.16
N ASP A 256 -4.25 -0.51 5.98
CA ASP A 256 -2.83 -0.28 6.17
C ASP A 256 -2.09 -1.23 5.27
N ILE A 257 -0.80 -0.97 5.16
CA ILE A 257 0.17 -1.91 4.66
C ILE A 257 0.45 -2.88 5.85
N TRP A 258 0.63 -4.16 5.56
CA TRP A 258 0.96 -5.18 6.57
C TRP A 258 2.29 -5.83 6.20
N GLY A 259 3.02 -6.38 7.17
CA GLY A 259 4.34 -6.90 6.95
C GLY A 259 4.48 -8.33 7.42
N TRP A 260 5.47 -8.96 6.79
CA TRP A 260 5.94 -10.29 7.11
C TRP A 260 7.46 -10.29 7.06
N VAL A 261 8.07 -11.30 7.68
CA VAL A 261 9.52 -11.43 7.68
C VAL A 261 9.91 -12.89 7.54
N LEU A 262 10.76 -13.14 6.53
CA LEU A 262 11.40 -14.40 6.27
C LEU A 262 12.72 -14.44 7.02
N ALA A 263 13.02 -15.59 7.62
CA ALA A 263 14.34 -15.78 8.22
C ALA A 263 14.84 -17.23 8.03
N SER A 264 16.16 -17.30 7.84
CA SER A 264 16.84 -18.57 7.52
C SER A 264 18.34 -18.44 7.75
N ASP A 265 19.04 -19.58 7.92
CA ASP A 265 20.50 -19.55 7.85
C ASP A 265 21.04 -19.91 6.50
N SER A 266 20.17 -20.23 5.53
CA SER A 266 20.55 -20.25 4.13
C SER A 266 19.94 -19.00 3.39
N PRO A 267 20.61 -18.53 2.32
CA PRO A 267 20.09 -17.31 1.67
C PRO A 267 18.69 -17.46 1.16
N LEU A 268 18.06 -16.33 0.95
CA LEU A 268 16.68 -16.26 0.51
C LEU A 268 16.71 -15.35 -0.69
N ASP A 269 17.04 -15.89 -1.84
CA ASP A 269 17.46 -15.02 -2.92
C ASP A 269 17.07 -15.62 -4.24
N LEU A 270 15.93 -15.21 -4.79
CA LEU A 270 15.46 -15.78 -6.05
C LEU A 270 14.92 -14.67 -6.94
N SER A 271 15.19 -14.75 -8.23
CA SER A 271 14.64 -13.77 -9.14
C SER A 271 13.10 -13.91 -9.20
N ALA A 272 12.45 -12.86 -9.67
CA ALA A 272 11.07 -12.93 -10.09
C ALA A 272 10.77 -14.08 -11.06
N GLU A 273 11.68 -14.30 -12.02
CA GLU A 273 11.45 -15.34 -13.05
C GLU A 273 11.55 -16.73 -12.41
N GLU A 274 12.52 -16.91 -11.52
CA GLU A 274 12.65 -18.16 -10.81
C GLU A 274 11.45 -18.47 -9.90
N LEU A 275 10.94 -17.43 -9.24
CA LEU A 275 9.73 -17.59 -8.42
C LEU A 275 8.53 -17.98 -9.27
N ASP A 276 8.35 -17.34 -10.42
CA ASP A 276 7.24 -17.72 -11.33
C ASP A 276 7.29 -19.14 -11.82
N ILE A 277 8.50 -19.59 -12.14
CA ILE A 277 8.70 -21.00 -12.49
C ILE A 277 8.35 -21.95 -11.33
N ARG A 278 8.89 -21.67 -10.16
CA ARG A 278 8.60 -22.53 -8.99
C ARG A 278 7.11 -22.59 -8.67
N MET A 279 6.42 -21.46 -8.82
CA MET A 279 4.96 -21.43 -8.60
C MET A 279 4.21 -22.30 -9.61
N ARG A 280 4.59 -22.19 -10.88
CA ARG A 280 4.03 -23.05 -11.91
C ARG A 280 4.34 -24.51 -11.62
N GLN A 281 5.52 -24.83 -11.10
CA GLN A 281 5.79 -26.24 -10.92
C GLN A 281 5.29 -26.80 -9.58
N ARG A 282 5.21 -25.98 -8.56
CA ARG A 282 4.82 -26.49 -7.24
C ARG A 282 3.45 -26.17 -6.67
N ILE A 283 2.78 -25.10 -7.12
CA ILE A 283 1.54 -24.69 -6.48
C ILE A 283 0.36 -25.02 -7.38
N ILE A 284 -0.63 -25.70 -6.81
CA ILE A 284 -1.80 -26.08 -7.57
C ILE A 284 -2.60 -24.80 -7.85
N GLU A 285 -2.93 -24.54 -9.12
CA GLU A 285 -3.78 -23.40 -9.53
C GLU A 285 -2.97 -22.10 -9.44
N GLU A 286 -3.54 -21.06 -10.04
CA GLU A 286 -2.93 -19.74 -10.12
C GLU A 286 -3.10 -18.98 -8.79
N ASN A 287 -2.03 -18.42 -8.24
CA ASN A 287 -2.16 -17.43 -7.17
C ASN A 287 -3.01 -16.26 -7.62
N ARG A 288 -3.83 -15.75 -6.71
CA ARG A 288 -4.59 -14.56 -7.01
C ARG A 288 -3.77 -13.29 -6.79
N TYR A 289 -2.86 -13.26 -5.83
CA TYR A 289 -2.18 -11.98 -5.51
C TYR A 289 -0.73 -11.98 -5.95
N LEU A 290 -0.03 -13.03 -5.59
CA LEU A 290 1.40 -13.14 -5.68
C LEU A 290 1.92 -13.81 -6.96
N ASP A 291 2.65 -13.06 -7.77
CA ASP A 291 3.58 -13.67 -8.77
C ASP A 291 4.98 -13.18 -8.37
N GLY A 292 6.01 -13.53 -9.13
CA GLY A 292 7.41 -13.21 -8.81
C GLY A 292 7.75 -11.75 -8.66
N LYS A 293 7.31 -10.95 -9.64
CA LYS A 293 7.53 -9.51 -9.58
C LYS A 293 6.81 -8.86 -8.36
N THR A 294 5.61 -9.38 -8.03
CA THR A 294 4.91 -8.92 -6.86
C THR A 294 5.77 -9.15 -5.60
N PHE A 295 6.40 -10.29 -5.48
CA PHE A 295 7.24 -10.53 -4.29
C PHE A 295 8.48 -9.61 -4.22
N VAL A 296 9.15 -9.46 -5.34
CA VAL A 296 10.30 -8.55 -5.42
C VAL A 296 9.92 -7.15 -4.94
N SER A 297 8.79 -6.68 -5.46
CA SER A 297 8.24 -5.35 -5.14
C SER A 297 7.93 -5.29 -3.66
N SER A 298 7.22 -6.29 -3.13
CA SER A 298 6.92 -6.36 -1.69
C SER A 298 8.14 -6.30 -0.79
N SER A 299 9.25 -6.89 -1.23
CA SER A 299 10.47 -6.93 -0.44
C SER A 299 11.38 -5.74 -0.68
N THR A 300 10.96 -4.84 -1.56
CA THR A 300 11.63 -3.56 -1.73
C THR A 300 10.84 -2.49 -0.95
N LEU A 301 11.26 -2.20 0.26
CA LEU A 301 10.56 -1.31 1.11
C LEU A 301 10.87 0.11 0.73
N SER A 302 10.05 1.04 1.21
CA SER A 302 10.26 2.46 0.91
C SER A 302 11.39 3.04 1.78
N LYS A 303 11.81 4.23 1.39
CA LYS A 303 12.93 4.91 1.98
C LYS A 303 12.86 4.95 3.50
N ALA A 304 11.78 5.52 4.05
CA ALA A 304 11.69 5.72 5.48
C ALA A 304 11.54 4.38 6.23
N VAL A 305 10.87 3.40 5.61
CA VAL A 305 10.72 2.12 6.24
C VAL A 305 12.08 1.35 6.27
N ARG A 306 12.78 1.29 5.13
CA ARG A 306 14.11 0.68 5.07
C ARG A 306 15.05 1.30 6.08
N ASN A 307 15.06 2.64 6.16
CA ASN A 307 15.87 3.38 7.13
C ASN A 307 15.57 2.98 8.54
N SER A 308 14.30 2.95 8.93
CA SER A 308 13.92 2.48 10.27
C SER A 308 14.42 1.07 10.60
N LEU A 309 14.15 0.15 9.69
CA LEU A 309 14.64 -1.21 9.82
C LEU A 309 16.15 -1.27 9.96
N ASN A 310 16.87 -0.64 9.04
CA ASN A 310 18.32 -0.71 9.08
C ASN A 310 18.92 0.02 10.32
N ASN A 311 18.20 0.95 10.91
CA ASN A 311 18.69 1.65 12.06
C ASN A 311 18.09 1.25 13.38
N GLU A 312 17.21 0.26 13.36
CA GLU A 312 16.52 -0.18 14.53
C GLU A 312 17.47 -0.88 15.55
N THR A 313 17.24 -0.61 16.84
CA THR A 313 18.00 -1.26 17.96
C THR A 313 17.21 -2.13 18.95
N HIS A 314 15.90 -1.91 19.10
CA HIS A 314 15.14 -2.70 20.04
C HIS A 314 15.13 -4.17 19.59
N VAL A 315 15.20 -5.05 20.60
CA VAL A 315 15.13 -6.51 20.45
C VAL A 315 14.10 -6.99 21.46
N TYR A 316 13.13 -7.79 21.03
CA TYR A 316 12.19 -8.37 21.98
C TYR A 316 12.87 -9.41 22.90
N THR A 317 12.77 -9.16 24.18
CA THR A 317 13.14 -10.13 25.23
C THR A 317 12.13 -10.03 26.38
N GLU A 318 12.20 -10.95 27.32
CA GLU A 318 11.46 -10.82 28.58
C GLU A 318 12.42 -11.21 29.70
N LYS B 27 -12.65 12.70 21.12
CA LYS B 27 -13.84 11.89 21.44
C LYS B 27 -15.05 12.30 20.61
N SER B 28 -15.35 13.61 20.56
CA SER B 28 -16.71 14.06 20.20
C SER B 28 -16.94 14.63 18.84
N CYS B 29 -15.95 15.26 18.25
CA CYS B 29 -16.13 15.89 16.93
C CYS B 29 -15.34 15.06 15.90
N TRP B 30 -15.98 14.75 14.77
CA TRP B 30 -15.48 13.81 13.83
C TRP B 30 -15.70 14.33 12.45
N TYR B 31 -14.73 14.15 11.58
CA TYR B 31 -14.92 14.31 10.15
C TYR B 31 -15.08 12.92 9.54
N GLU B 32 -16.06 12.79 8.68
CA GLU B 32 -16.45 11.49 8.15
C GLU B 32 -16.46 11.54 6.63
N GLU B 33 -15.94 10.50 6.01
CA GLU B 33 -15.85 10.42 4.57
C GLU B 33 -16.27 9.05 4.10
N GLU B 34 -17.19 9.04 3.14
CA GLU B 34 -17.67 7.84 2.51
C GLU B 34 -16.64 7.59 1.41
N ILE B 35 -15.68 6.70 1.62
CA ILE B 35 -14.73 6.31 0.53
C ILE B 35 -15.43 5.53 -0.60
N GLU B 36 -16.10 4.46 -0.23
CA GLU B 36 -16.96 3.68 -1.13
C GLU B 36 -18.33 3.90 -0.55
N GLU B 37 -19.40 3.52 -1.27
CA GLU B 37 -20.76 3.55 -0.69
C GLU B 37 -20.82 2.79 0.64
N ASN B 38 -20.01 1.74 0.76
CA ASN B 38 -20.10 0.79 1.86
C ASN B 38 -19.02 0.95 2.93
N LEU B 39 -18.26 2.03 2.87
CA LEU B 39 -17.01 2.13 3.64
C LEU B 39 -16.79 3.52 4.19
N ARG B 40 -16.68 3.68 5.50
CA ARG B 40 -16.48 5.03 6.02
C ARG B 40 -15.23 5.17 6.83
N TRP B 41 -14.66 6.35 6.73
CA TRP B 41 -13.34 6.65 7.26
C TRP B 41 -13.49 7.94 7.99
N CYS B 42 -13.17 7.94 9.28
CA CYS B 42 -13.55 9.03 10.20
C CYS B 42 -12.38 9.45 11.08
N PHE B 43 -12.15 10.77 11.16
CA PHE B 43 -11.03 11.33 11.87
C PHE B 43 -11.56 12.24 12.97
N ALA B 44 -11.05 12.13 14.19
CA ALA B 44 -11.50 13.00 15.28
C ALA B 44 -10.98 14.37 14.95
N LEU B 45 -11.70 15.42 15.32
CA LEU B 45 -11.30 16.82 14.97
C LEU B 45 -10.87 17.62 16.21
N ASN B 46 -9.89 18.46 16.02
CA ASN B 46 -9.54 19.52 16.97
C ASN B 46 -10.35 20.73 16.60
N SER B 47 -10.42 21.08 15.30
CA SER B 47 -11.18 22.23 14.88
C SER B 47 -11.46 22.26 13.41
N ILE B 48 -12.26 23.23 13.01
CA ILE B 48 -12.62 23.51 11.63
C ILE B 48 -12.02 24.90 11.49
N LEU B 49 -10.90 25.00 10.79
CA LEU B 49 -10.05 26.19 10.89
C LEU B 49 -10.56 27.30 10.04
N HIS B 50 -10.75 27.00 8.79
CA HIS B 50 -11.21 28.00 7.90
C HIS B 50 -12.00 27.33 6.83
N THR B 51 -12.72 28.15 6.12
CA THR B 51 -13.45 27.68 5.02
C THR B 51 -13.45 28.78 3.98
N GLY B 52 -13.89 28.37 2.83
CA GLY B 52 -14.15 29.15 1.66
C GLY B 52 -15.11 28.35 0.79
N ALA B 53 -15.54 28.95 -0.34
CA ALA B 53 -16.34 28.25 -1.35
C ALA B 53 -16.29 29.04 -2.65
N SER B 54 -16.52 28.31 -3.72
CA SER B 54 -16.55 28.86 -5.02
C SER B 54 -17.65 28.11 -5.73
N GLN B 55 -17.95 28.57 -6.93
CA GLN B 55 -18.90 27.86 -7.77
C GLN B 55 -18.39 26.47 -8.11
N TYR B 56 -17.06 26.30 -8.15
CA TYR B 56 -16.46 25.02 -8.48
C TYR B 56 -16.58 23.99 -7.39
N GLN B 57 -16.36 24.37 -6.13
CA GLN B 57 -16.26 23.37 -5.05
C GLN B 57 -16.30 24.06 -3.69
N ASP B 58 -16.76 23.33 -2.70
CA ASP B 58 -16.64 23.75 -1.31
C ASP B 58 -15.20 23.55 -0.89
N ILE B 59 -14.72 24.40 -0.03
CA ILE B 59 -13.34 24.38 0.43
C ILE B 59 -13.20 24.45 1.93
N ALA B 60 -12.47 23.55 2.55
CA ALA B 60 -12.31 23.62 3.99
C ALA B 60 -10.96 23.15 4.46
N LEU B 61 -10.55 23.64 5.61
CA LEU B 61 -9.33 23.23 6.21
C LEU B 61 -9.67 22.74 7.61
N LEU B 62 -9.46 21.47 7.89
CA LEU B 62 -9.81 20.92 9.19
C LEU B 62 -8.56 20.76 9.94
N ASP B 63 -8.60 20.84 11.24
CA ASP B 63 -7.46 20.38 12.04
C ASP B 63 -7.82 19.03 12.70
N THR B 64 -7.21 17.96 12.18
CA THR B 64 -7.56 16.60 12.54
C THR B 64 -6.52 16.08 13.50
N LYS B 65 -6.96 15.22 14.43
CA LYS B 65 -6.01 14.64 15.39
C LYS B 65 -5.13 13.61 14.70
N PRO B 66 -5.69 12.64 13.92
CA PRO B 66 -4.70 11.68 13.33
C PRO B 66 -3.88 12.22 12.15
N PHE B 67 -4.36 13.18 11.38
CA PHE B 67 -3.60 13.55 10.19
C PHE B 67 -3.16 15.02 10.12
N GLY B 68 -3.30 15.76 11.24
CA GLY B 68 -3.11 17.21 11.32
C GLY B 68 -4.02 18.00 10.38
N LYS B 69 -3.58 19.14 9.90
CA LYS B 69 -4.41 19.95 9.03
C LYS B 69 -4.75 19.21 7.74
N ALA B 70 -5.97 19.38 7.27
CA ALA B 70 -6.44 18.66 6.12
C ALA B 70 -7.29 19.56 5.22
N LEU B 71 -6.93 19.63 3.95
CA LEU B 71 -7.64 20.40 2.94
C LEU B 71 -8.68 19.42 2.34
N VAL B 72 -9.93 19.84 2.33
CA VAL B 72 -11.05 19.06 1.88
C VAL B 72 -11.77 19.83 0.81
N LEU B 73 -11.91 19.30 -0.39
CA LEU B 73 -12.65 19.97 -1.47
C LEU B 73 -13.87 19.14 -1.78
N ASP B 74 -15.04 19.75 -1.78
CA ASP B 74 -16.32 19.05 -1.98
C ASP B 74 -16.49 17.88 -1.04
N GLY B 75 -16.09 18.08 0.21
CA GLY B 75 -16.13 17.01 1.20
C GLY B 75 -15.23 15.82 0.94
N LYS B 76 -14.28 15.92 -0.01
CA LYS B 76 -13.28 14.85 -0.22
C LYS B 76 -11.95 15.38 0.22
N LEU B 77 -11.29 14.60 1.06
CA LEU B 77 -9.98 14.93 1.51
C LEU B 77 -8.99 14.96 0.32
N GLN B 78 -8.15 16.00 0.28
CA GLN B 78 -7.15 16.16 -0.78
C GLN B 78 -5.75 16.11 -0.25
N SER B 79 -5.50 16.77 0.86
CA SER B 79 -4.13 16.95 1.34
C SER B 79 -4.15 16.90 2.85
N ALA B 80 -3.46 15.96 3.49
CA ALA B 80 -3.29 15.97 4.93
C ALA B 80 -1.86 16.28 5.28
N GLU B 81 -1.68 17.05 6.34
CA GLU B 81 -0.39 17.54 6.77
C GLU B 81 0.58 16.40 7.06
N THR B 82 0.15 15.31 7.67
CA THR B 82 1.10 14.32 8.02
C THR B 82 1.60 13.49 6.80
N ASP B 83 0.88 13.44 5.68
CA ASP B 83 1.31 12.60 4.64
C ASP B 83 1.13 13.13 3.23
N GLU B 84 0.81 14.40 3.06
CA GLU B 84 0.69 14.91 1.71
C GLU B 84 2.04 14.83 0.95
N PHE B 85 3.17 14.90 1.66
CA PHE B 85 4.49 14.72 1.06
C PHE B 85 4.58 13.45 0.21
N ILE B 86 3.87 12.38 0.58
CA ILE B 86 3.93 11.14 -0.21
C ILE B 86 3.31 11.36 -1.59
N TYR B 87 2.11 11.90 -1.61
CA TYR B 87 1.44 12.13 -2.89
C TYR B 87 2.27 13.10 -3.75
N HIS B 88 2.74 14.17 -3.14
CA HIS B 88 3.37 15.23 -3.95
C HIS B 88 4.78 14.88 -4.41
N GLU B 89 5.53 14.13 -3.60
CA GLU B 89 6.82 13.61 -4.07
C GLU B 89 6.65 12.61 -5.21
N CYS B 90 5.67 11.71 -5.08
CA CYS B 90 5.44 10.69 -6.06
C CYS B 90 4.93 11.27 -7.37
N LEU B 91 4.12 12.29 -7.26
CA LEU B 91 3.59 12.97 -8.48
C LEU B 91 4.68 13.66 -9.27
N VAL B 92 5.54 14.35 -8.55
CA VAL B 92 6.48 15.31 -9.15
C VAL B 92 7.84 14.67 -9.49
N HIS B 93 8.48 14.02 -8.51
CA HIS B 93 9.90 13.68 -8.69
C HIS B 93 10.29 12.66 -9.74
N PRO B 94 9.57 11.50 -9.88
CA PRO B 94 9.91 10.56 -10.91
C PRO B 94 10.00 11.22 -12.24
N ALA B 95 9.02 11.98 -12.59
CA ALA B 95 9.01 12.64 -13.89
C ALA B 95 10.23 13.55 -14.11
N LEU B 96 10.45 14.50 -13.20
CA LEU B 96 11.58 15.40 -13.35
C LEU B 96 12.96 14.68 -13.37
N LEU B 97 13.12 13.67 -12.52
CA LEU B 97 14.35 12.89 -12.43
C LEU B 97 14.64 12.02 -13.67
N HIS B 98 13.62 11.57 -14.40
CA HIS B 98 13.81 10.88 -15.68
C HIS B 98 14.10 11.87 -16.80
N HIS B 99 13.96 13.16 -16.56
CA HIS B 99 14.29 14.12 -17.60
C HIS B 99 15.76 14.50 -17.51
N PRO B 100 16.45 14.61 -18.65
CA PRO B 100 17.89 15.03 -18.60
C PRO B 100 18.18 16.40 -17.97
N MET B 101 17.26 17.34 -18.15
CA MET B 101 17.44 18.75 -17.72
C MET B 101 16.10 19.53 -17.79
N PRO B 102 15.21 19.33 -16.80
CA PRO B 102 13.88 19.93 -16.91
C PRO B 102 13.87 21.32 -16.41
N LYS B 103 13.56 22.26 -17.28
CA LYS B 103 13.63 23.68 -16.97
C LYS B 103 12.27 24.36 -16.86
N ASN B 104 11.34 23.99 -17.76
CA ASN B 104 10.01 24.60 -17.81
C ASN B 104 8.91 23.59 -17.59
N VAL B 105 8.03 23.86 -16.62
N VAL B 105 8.05 23.81 -16.60
CA VAL B 105 6.98 22.93 -16.24
CA VAL B 105 6.98 22.86 -16.28
C VAL B 105 5.63 23.63 -16.13
C VAL B 105 5.65 23.61 -16.15
N PHE B 106 4.58 22.90 -16.54
CA PHE B 106 3.21 23.39 -16.48
C PHE B 106 2.43 22.43 -15.60
N ILE B 107 1.69 22.95 -14.62
CA ILE B 107 0.79 22.17 -13.82
C ILE B 107 -0.66 22.41 -14.23
N MET B 108 -1.36 21.32 -14.47
CA MET B 108 -2.77 21.39 -14.68
C MET B 108 -3.39 21.18 -13.28
N GLY B 109 -4.00 22.19 -12.68
CA GLY B 109 -4.40 22.12 -11.27
C GLY B 109 -3.34 22.73 -10.40
N GLY B 110 -3.14 22.14 -9.24
CA GLY B 110 -2.08 22.62 -8.34
C GLY B 110 -2.34 23.85 -7.47
N GLY B 111 -3.62 24.25 -7.33
CA GLY B 111 -4.00 25.38 -6.52
C GLY B 111 -3.54 25.22 -5.08
N GLU B 112 -3.52 23.98 -4.62
CA GLU B 112 -3.14 23.66 -3.25
C GLU B 112 -1.70 24.04 -2.92
N GLY B 113 -0.84 24.11 -3.93
CA GLY B 113 0.49 24.65 -3.82
C GLY B 113 1.59 23.66 -3.57
N SER B 114 1.32 22.43 -3.12
CA SER B 114 2.36 21.48 -2.78
C SER B 114 3.03 20.88 -4.02
N THR B 115 2.28 20.67 -5.10
CA THR B 115 2.97 20.29 -6.34
C THR B 115 4.03 21.33 -6.75
N ALA B 116 3.68 22.60 -6.66
CA ALA B 116 4.60 23.64 -7.02
C ALA B 116 5.78 23.61 -6.06
N ARG B 117 5.52 23.38 -4.77
CA ARG B 117 6.58 23.34 -3.78
C ARG B 117 7.65 22.33 -4.17
N GLU B 118 7.19 21.10 -4.47
CA GLU B 118 8.12 20.03 -4.81
C GLU B 118 8.84 20.27 -6.09
N LEU B 119 8.16 20.77 -7.12
CA LEU B 119 8.83 21.17 -8.34
C LEU B 119 9.90 22.23 -8.09
N LEU B 120 9.62 23.21 -7.28
CA LEU B 120 10.63 24.30 -6.98
C LEU B 120 11.85 23.88 -6.11
N ARG B 121 11.80 22.67 -5.58
CA ARG B 121 12.95 22.08 -4.95
C ARG B 121 13.98 21.63 -5.98
N HIS B 122 13.60 21.54 -7.25
CA HIS B 122 14.56 21.17 -8.28
C HIS B 122 15.38 22.41 -8.76
N LYS B 123 16.69 22.27 -8.65
CA LYS B 123 17.67 23.27 -9.04
C LYS B 123 17.66 23.56 -10.56
N THR B 124 17.26 22.59 -11.37
CA THR B 124 17.22 22.77 -12.80
C THR B 124 16.06 23.58 -13.32
N ILE B 125 15.09 23.90 -12.44
CA ILE B 125 13.85 24.54 -12.86
C ILE B 125 14.08 26.03 -12.98
N ASP B 126 13.66 26.59 -14.11
CA ASP B 126 13.61 28.07 -14.35
C ASP B 126 12.21 28.68 -14.19
N LYS B 127 11.17 27.94 -14.59
CA LYS B 127 9.80 28.45 -14.56
C LYS B 127 8.81 27.32 -14.30
N VAL B 128 7.86 27.61 -13.42
CA VAL B 128 6.74 26.73 -13.15
C VAL B 128 5.51 27.53 -13.44
N VAL B 129 4.61 27.00 -14.27
CA VAL B 129 3.33 27.58 -14.45
C VAL B 129 2.30 26.73 -13.75
N MET B 130 1.57 27.29 -12.77
CA MET B 130 0.44 26.59 -12.07
C MET B 130 -0.79 27.14 -12.74
N CYS B 131 -1.59 26.28 -13.34
CA CYS B 131 -2.81 26.69 -13.99
C CYS B 131 -4.02 26.06 -13.36
N ASP B 132 -4.63 26.79 -12.43
CA ASP B 132 -5.79 26.25 -11.70
C ASP B 132 -7.01 27.01 -12.12
N ILE B 133 -8.13 26.30 -12.23
CA ILE B 133 -9.40 26.84 -12.68
C ILE B 133 -10.05 27.72 -11.60
N ASP B 134 -9.70 27.48 -10.33
CA ASP B 134 -10.42 28.01 -9.19
C ASP B 134 -9.53 28.95 -8.38
N GLU B 135 -9.68 30.23 -8.66
CA GLU B 135 -8.91 31.22 -7.93
C GLU B 135 -9.09 31.12 -6.43
N GLU B 136 -10.25 30.67 -6.01
CA GLU B 136 -10.54 30.55 -4.57
C GLU B 136 -9.66 29.53 -3.89
N VAL B 137 -9.31 28.44 -4.57
CA VAL B 137 -8.39 27.42 -3.98
C VAL B 137 -6.99 28.02 -3.83
N VAL B 138 -6.59 28.76 -4.85
CA VAL B 138 -5.28 29.37 -4.87
C VAL B 138 -5.15 30.36 -3.75
N GLU B 139 -6.12 31.25 -3.61
CA GLU B 139 -6.01 32.32 -2.62
C GLU B 139 -6.16 31.76 -1.21
N PHE B 140 -6.95 30.72 -1.06
CA PHE B 140 -7.11 30.08 0.21
C PHE B 140 -5.85 29.39 0.68
N CYS B 141 -5.27 28.60 -0.17
CA CYS B 141 -4.14 27.77 0.17
C CYS B 141 -2.85 28.62 0.34
N LYS B 142 -2.76 29.70 -0.43
CA LYS B 142 -1.65 30.63 -0.32
C LYS B 142 -1.56 31.29 1.08
N SER B 143 -2.72 31.57 1.65
CA SER B 143 -2.79 32.13 3.00
C SER B 143 -2.74 31.09 4.09
N TYR B 144 -3.38 29.95 3.87
CA TYR B 144 -3.59 29.03 4.94
C TYR B 144 -2.79 27.76 4.95
N LEU B 145 -2.17 27.38 3.83
CA LEU B 145 -1.25 26.21 3.81
C LEU B 145 0.16 26.74 3.78
N VAL B 146 0.60 27.16 4.95
CA VAL B 146 1.82 28.00 5.07
C VAL B 146 3.08 27.19 4.76
N VAL B 147 2.96 25.87 4.81
CA VAL B 147 4.02 25.01 4.22
C VAL B 147 4.40 25.38 2.78
N ASN B 148 3.43 25.87 2.00
CA ASN B 148 3.68 26.30 0.61
C ASN B 148 3.94 27.77 0.45
N LYS B 149 4.27 28.48 1.53
CA LYS B 149 4.36 29.95 1.38
C LYS B 149 5.55 30.38 0.55
N GLU B 150 6.73 29.78 0.76
CA GLU B 150 7.89 30.14 -0.08
C GLU B 150 7.60 29.76 -1.54
N ALA B 151 6.90 28.65 -1.77
CA ALA B 151 6.58 28.23 -3.13
C ALA B 151 5.76 29.28 -3.81
N PHE B 152 4.71 29.71 -3.15
CA PHE B 152 3.82 30.70 -3.76
C PHE B 152 4.54 32.03 -4.04
N HIS B 153 5.56 32.34 -3.27
CA HIS B 153 6.29 33.63 -3.45
C HIS B 153 7.55 33.50 -4.25
N ASP B 154 7.83 32.31 -4.79
CA ASP B 154 9.05 32.07 -5.49
C ASP B 154 8.93 32.80 -6.82
N SER B 155 9.95 33.58 -7.17
CA SER B 155 9.96 34.32 -8.45
C SER B 155 9.90 33.44 -9.71
N ARG B 156 10.16 32.13 -9.57
CA ARG B 156 10.06 31.24 -10.72
C ARG B 156 8.64 30.74 -11.00
N LEU B 157 7.66 31.08 -10.14
CA LEU B 157 6.31 30.56 -10.24
C LEU B 157 5.43 31.59 -10.93
N GLU B 158 4.69 31.19 -11.96
CA GLU B 158 3.61 32.00 -12.50
C GLU B 158 2.30 31.29 -12.23
N VAL B 159 1.37 31.98 -11.57
CA VAL B 159 0.02 31.48 -11.36
C VAL B 159 -0.90 31.98 -12.45
N VAL B 160 -1.61 31.07 -13.06
CA VAL B 160 -2.65 31.38 -14.06
C VAL B 160 -3.98 30.79 -13.57
N ILE B 161 -5.04 31.63 -13.59
CA ILE B 161 -6.38 31.18 -13.25
C ILE B 161 -7.10 30.91 -14.54
N ASN B 162 -7.18 29.65 -14.91
CA ASN B 162 -7.84 29.26 -16.13
C ASN B 162 -8.07 27.77 -16.07
N ASP B 163 -8.97 27.32 -16.94
CA ASP B 163 -9.03 25.93 -17.35
C ASP B 163 -7.75 25.58 -18.09
N ALA B 164 -7.07 24.54 -17.61
CA ALA B 164 -5.80 24.14 -18.15
C ALA B 164 -5.94 23.75 -19.61
N LYS B 165 -7.06 23.18 -20.02
CA LYS B 165 -7.22 22.85 -21.42
C LYS B 165 -7.25 24.09 -22.33
N ALA B 166 -8.00 25.12 -21.97
CA ALA B 166 -8.00 26.39 -22.75
C ALA B 166 -6.66 27.10 -22.68
N GLU B 167 -5.99 27.05 -21.52
CA GLU B 167 -4.70 27.70 -21.41
C GLU B 167 -3.67 27.06 -22.36
N LEU B 168 -3.65 25.72 -22.37
CA LEU B 168 -2.72 24.98 -23.18
C LEU B 168 -3.05 25.19 -24.64
N GLU B 169 -4.33 25.17 -24.97
CA GLU B 169 -4.76 25.36 -26.35
C GLU B 169 -4.44 26.73 -26.93
N GLY B 170 -4.58 27.79 -26.15
CA GLY B 170 -4.47 29.13 -26.65
C GLY B 170 -3.08 29.67 -26.59
N LYS B 171 -2.16 28.98 -25.93
CA LYS B 171 -0.75 29.39 -25.95
C LYS B 171 0.15 28.38 -26.67
N GLU B 172 1.19 28.91 -27.31
CA GLU B 172 2.20 28.12 -28.07
C GLU B 172 3.42 27.67 -27.25
N GLU B 173 3.65 28.25 -26.09
CA GLU B 173 4.77 27.87 -25.25
C GLU B 173 4.86 26.32 -24.99
N LYS B 174 6.06 25.76 -25.09
CA LYS B 174 6.26 24.31 -24.86
C LYS B 174 6.96 24.07 -23.53
N TYR B 175 6.79 22.86 -23.02
CA TYR B 175 7.29 22.53 -21.69
C TYR B 175 8.16 21.28 -21.66
N ASP B 176 9.04 21.18 -20.67
CA ASP B 176 9.81 19.96 -20.47
C ASP B 176 9.04 18.90 -19.73
N VAL B 177 8.17 19.34 -18.81
CA VAL B 177 7.32 18.42 -18.04
C VAL B 177 5.95 19.13 -17.87
N ILE B 178 4.88 18.36 -18.06
CA ILE B 178 3.53 18.80 -17.79
C ILE B 178 3.03 17.81 -16.75
N VAL B 179 2.45 18.35 -15.68
CA VAL B 179 1.97 17.61 -14.53
C VAL B 179 0.45 17.73 -14.42
N GLY B 180 -0.27 16.62 -14.55
CA GLY B 180 -1.70 16.52 -14.17
C GLY B 180 -1.95 16.34 -12.68
N ASP B 181 -2.40 17.41 -12.00
CA ASP B 181 -2.78 17.40 -10.57
C ASP B 181 -4.28 17.70 -10.42
N LEU B 182 -5.08 17.05 -11.26
CA LEU B 182 -6.51 17.28 -11.35
C LEU B 182 -7.29 16.26 -10.51
N ALA B 183 -8.60 16.49 -10.38
CA ALA B 183 -9.50 15.43 -9.88
C ALA B 183 -9.61 14.30 -10.92
N ASP B 184 -10.09 13.15 -10.46
CA ASP B 184 -10.36 11.98 -11.31
C ASP B 184 -11.31 12.29 -12.45
N PRO B 185 -11.17 11.60 -13.57
CA PRO B 185 -12.06 11.88 -14.74
C PRO B 185 -13.54 11.46 -14.50
N ILE B 186 -14.42 12.42 -14.46
CA ILE B 186 -15.85 12.15 -14.22
C ILE B 186 -16.57 12.96 -15.27
N GLU B 187 -17.28 12.28 -16.17
CA GLU B 187 -18.01 12.95 -17.25
C GLU B 187 -18.85 14.10 -16.67
N GLY B 188 -18.82 15.24 -17.35
CA GLY B 188 -19.53 16.42 -16.90
C GLY B 188 -18.85 17.30 -15.87
N GLY B 189 -17.88 16.76 -15.11
CA GLY B 189 -17.06 17.55 -14.20
C GLY B 189 -16.08 18.36 -15.00
N PRO B 190 -15.40 19.31 -14.36
CA PRO B 190 -14.48 20.14 -15.13
C PRO B 190 -13.12 19.48 -15.53
N CYS B 191 -12.90 18.20 -15.17
CA CYS B 191 -11.60 17.56 -15.42
C CYS B 191 -11.55 16.52 -16.52
N TYR B 192 -12.69 15.86 -16.80
CA TYR B 192 -12.75 14.70 -17.72
C TYR B 192 -12.05 14.95 -19.04
N LYS B 193 -12.22 16.15 -19.62
CA LYS B 193 -11.68 16.44 -20.92
C LYS B 193 -10.13 16.41 -20.88
N LEU B 194 -9.51 16.61 -19.71
CA LEU B 194 -8.06 16.65 -19.58
C LEU B 194 -7.43 15.21 -19.45
N TYR B 195 -8.24 14.18 -19.67
CA TYR B 195 -7.85 12.79 -19.65
C TYR B 195 -8.22 12.01 -20.93
N THR B 196 -8.73 12.69 -21.96
CA THR B 196 -9.06 12.01 -23.20
C THR B 196 -7.86 11.84 -24.13
N LYS B 197 -7.97 10.83 -24.96
CA LYS B 197 -7.03 10.57 -26.03
C LYS B 197 -6.79 11.82 -26.86
N ASP B 198 -7.86 12.49 -27.29
CA ASP B 198 -7.71 13.70 -28.16
C ASP B 198 -6.96 14.84 -27.48
N PHE B 199 -7.22 15.02 -26.20
CA PHE B 199 -6.53 16.04 -25.42
C PHE B 199 -5.03 15.74 -25.41
N TYR B 200 -4.68 14.53 -25.01
CA TYR B 200 -3.31 14.05 -25.02
C TYR B 200 -2.59 14.14 -26.37
N GLU B 201 -3.24 13.67 -27.42
CA GLU B 201 -2.63 13.69 -28.73
C GLU B 201 -2.58 15.07 -29.37
N LEU B 202 -3.69 15.79 -29.38
CA LEU B 202 -3.78 16.99 -30.18
C LEU B 202 -3.52 18.22 -29.40
N THR B 203 -3.58 18.18 -28.06
CA THR B 203 -3.35 19.39 -27.23
C THR B 203 -2.08 19.28 -26.38
N LEU B 204 -1.93 18.17 -25.70
CA LEU B 204 -0.79 18.00 -24.80
C LEU B 204 0.57 17.71 -25.46
N LYS B 205 0.60 16.67 -26.31
CA LYS B 205 1.83 16.25 -26.94
C LYS B 205 2.49 17.39 -27.71
N PRO B 206 1.71 18.22 -28.45
CA PRO B 206 2.35 19.34 -29.16
C PRO B 206 3.00 20.37 -28.27
N LYS B 207 2.68 20.32 -26.99
CA LYS B 207 3.16 21.29 -26.05
C LYS B 207 4.31 20.80 -25.21
N LEU B 208 4.71 19.52 -25.44
CA LEU B 208 5.89 18.94 -24.84
C LEU B 208 7.11 19.12 -25.78
N LYS B 209 8.20 19.66 -25.26
CA LYS B 209 9.49 19.70 -26.00
C LYS B 209 10.06 18.28 -26.23
N LYS B 210 11.17 18.19 -26.97
CA LYS B 210 11.84 16.91 -27.22
C LYS B 210 12.30 16.36 -25.90
N GLY B 211 12.10 15.07 -25.66
CA GLY B 211 12.39 14.51 -24.32
C GLY B 211 11.37 14.88 -23.22
N GLY B 212 10.23 15.46 -23.61
CA GLY B 212 9.24 15.92 -22.67
C GLY B 212 8.58 14.74 -21.99
N ILE B 213 8.19 14.97 -20.75
CA ILE B 213 7.52 13.94 -19.97
C ILE B 213 6.25 14.57 -19.41
N PHE B 214 5.15 13.82 -19.55
CA PHE B 214 3.86 14.04 -18.92
C PHE B 214 3.70 13.08 -17.73
N VAL B 215 3.16 13.59 -16.63
CA VAL B 215 2.80 12.76 -15.48
C VAL B 215 1.44 13.23 -15.07
N THR B 216 0.54 12.29 -14.77
CA THR B 216 -0.73 12.62 -14.21
C THR B 216 -1.02 11.71 -13.01
N GLN B 217 -1.71 12.28 -12.01
CA GLN B 217 -2.37 11.52 -10.96
C GLN B 217 -3.36 10.64 -11.70
N ALA B 218 -3.56 9.45 -11.18
CA ALA B 218 -4.37 8.49 -11.88
C ALA B 218 -5.31 7.72 -10.98
N GLY B 219 -5.75 8.37 -9.92
CA GLY B 219 -6.82 7.84 -9.07
C GLY B 219 -6.41 6.71 -8.16
N PRO B 220 -7.39 6.04 -7.54
CA PRO B 220 -7.03 4.92 -6.64
C PRO B 220 -6.33 3.79 -7.45
N ALA B 221 -5.49 3.02 -6.78
CA ALA B 221 -4.74 1.97 -7.44
C ALA B 221 -4.66 0.75 -6.56
N GLY B 222 -5.68 0.55 -5.74
CA GLY B 222 -5.72 -0.62 -4.86
C GLY B 222 -6.07 -1.84 -5.67
N ILE B 223 -5.96 -2.96 -5.02
CA ILE B 223 -6.18 -4.24 -5.63
C ILE B 223 -7.57 -4.35 -6.25
N PHE B 224 -8.60 -3.76 -5.66
CA PHE B 224 -9.88 -3.69 -6.31
C PHE B 224 -10.11 -2.32 -6.92
N SER B 225 -9.67 -1.23 -6.29
CA SER B 225 -10.05 0.10 -6.76
C SER B 225 -9.33 0.56 -8.02
N HIS B 226 -8.27 -0.16 -8.42
CA HIS B 226 -7.51 0.20 -9.63
C HIS B 226 -8.31 0.15 -10.92
N THR B 227 -9.41 -0.60 -10.95
CA THR B 227 -10.25 -0.65 -12.20
C THR B 227 -11.17 0.55 -12.38
N GLU B 228 -11.29 1.42 -11.38
CA GLU B 228 -12.14 2.60 -11.51
C GLU B 228 -11.63 3.62 -12.58
N VAL B 229 -10.44 4.19 -12.40
CA VAL B 229 -9.85 5.03 -13.45
C VAL B 229 -8.40 4.73 -13.80
N PHE B 230 -7.66 4.12 -12.90
CA PHE B 230 -6.24 3.96 -13.08
C PHE B 230 -5.89 3.19 -14.34
N SER B 231 -6.50 2.04 -14.54
CA SER B 231 -6.20 1.25 -15.69
C SER B 231 -6.62 1.97 -16.99
N CYS B 232 -7.71 2.72 -16.96
CA CYS B 232 -8.19 3.44 -18.17
C CYS B 232 -7.29 4.58 -18.53
N ILE B 233 -6.78 5.29 -17.51
CA ILE B 233 -5.84 6.40 -17.71
C ILE B 233 -4.55 5.85 -18.30
N TYR B 234 -4.09 4.73 -17.79
CA TYR B 234 -2.95 4.03 -18.35
C TYR B 234 -3.17 3.69 -19.87
N ASN B 235 -4.29 3.05 -20.19
CA ASN B 235 -4.54 2.60 -21.56
C ASN B 235 -4.73 3.76 -22.51
N THR B 236 -5.31 4.84 -21.98
CA THR B 236 -5.49 6.04 -22.74
C THR B 236 -4.13 6.59 -23.11
N LEU B 237 -3.25 6.79 -22.13
CA LEU B 237 -1.90 7.31 -22.42
C LEU B 237 -1.11 6.45 -23.40
N ARG B 238 -1.19 5.12 -23.23
CA ARG B 238 -0.65 4.08 -24.12
C ARG B 238 -1.08 4.21 -25.59
N GLN B 239 -2.23 4.79 -25.88
CA GLN B 239 -2.61 5.11 -27.27
C GLN B 239 -1.83 6.31 -27.81
N VAL B 240 -1.19 7.11 -26.97
CA VAL B 240 -0.61 8.36 -27.45
C VAL B 240 0.91 8.45 -27.32
N PHE B 241 1.49 7.94 -26.23
CA PHE B 241 2.92 8.04 -25.95
C PHE B 241 3.57 6.70 -26.09
N LYS B 242 4.79 6.68 -26.59
CA LYS B 242 5.44 5.42 -26.83
C LYS B 242 5.77 4.65 -25.54
N TYR B 243 6.17 5.37 -24.49
CA TYR B 243 6.63 4.80 -23.21
C TYR B 243 5.70 5.30 -22.08
N VAL B 244 5.12 4.38 -21.34
CA VAL B 244 4.10 4.70 -20.36
C VAL B 244 4.41 3.86 -19.13
N VAL B 245 4.67 4.48 -18.01
CA VAL B 245 5.07 3.77 -16.79
C VAL B 245 4.03 4.12 -15.67
N PRO B 246 3.13 3.17 -15.35
CA PRO B 246 2.24 3.34 -14.21
C PRO B 246 2.96 2.99 -12.88
N TYR B 247 2.64 3.68 -11.81
CA TYR B 247 3.21 3.38 -10.48
C TYR B 247 2.24 3.84 -9.40
N SER B 248 2.45 3.35 -8.17
CA SER B 248 1.49 3.54 -7.13
C SER B 248 2.16 3.47 -5.76
N ALA B 249 1.53 4.10 -4.78
CA ALA B 249 1.98 4.10 -3.40
C ALA B 249 0.81 4.32 -2.44
N HIS B 250 0.96 3.79 -1.22
CA HIS B 250 -0.02 3.93 -0.17
C HIS B 250 -0.01 5.36 0.39
N ILE B 251 -1.20 5.95 0.57
CA ILE B 251 -1.32 7.23 1.22
C ILE B 251 -2.27 7.00 2.41
N PRO B 252 -1.75 7.00 3.64
CA PRO B 252 -2.52 6.54 4.80
C PRO B 252 -3.86 7.28 4.96
N SER B 253 -3.83 8.60 4.76
CA SER B 253 -4.98 9.42 4.88
C SER B 253 -6.01 9.15 3.82
N TYR B 254 -5.65 8.59 2.68
CA TYR B 254 -6.66 8.33 1.65
C TYR B 254 -7.26 6.96 1.84
N ALA B 255 -6.81 6.19 2.81
CA ALA B 255 -7.29 4.82 2.98
C ALA B 255 -7.14 3.85 1.72
N ASP B 256 -6.14 4.12 0.87
CA ASP B 256 -5.95 3.37 -0.34
C ASP B 256 -4.56 3.64 -0.91
N ILE B 257 -4.23 2.83 -1.89
CA ILE B 257 -3.07 2.99 -2.70
C ILE B 257 -3.53 3.98 -3.75
N TRP B 258 -2.67 4.94 -4.01
CA TRP B 258 -2.88 5.94 -5.07
C TRP B 258 -1.99 5.70 -6.29
N GLY B 259 -2.46 6.10 -7.47
CA GLY B 259 -1.66 5.94 -8.65
C GLY B 259 -1.29 7.19 -9.37
N TRP B 260 -0.27 7.04 -10.19
CA TRP B 260 0.24 8.04 -11.10
C TRP B 260 0.73 7.35 -12.37
N VAL B 261 0.76 8.07 -13.48
CA VAL B 261 1.28 7.51 -14.68
C VAL B 261 2.30 8.48 -15.35
N LEU B 262 3.52 8.01 -15.63
CA LEU B 262 4.47 8.78 -16.48
C LEU B 262 4.26 8.45 -17.91
N ALA B 263 4.51 9.39 -18.80
CA ALA B 263 4.35 9.10 -20.23
C ALA B 263 5.28 9.97 -21.03
N SER B 264 5.90 9.38 -22.02
CA SER B 264 6.90 10.10 -22.82
C SER B 264 7.11 9.41 -24.19
N ASP B 265 7.61 10.15 -25.15
CA ASP B 265 8.12 9.49 -26.39
C ASP B 265 9.63 9.24 -26.37
N SER B 266 10.31 9.60 -25.28
CA SER B 266 11.65 9.16 -25.01
C SER B 266 11.55 8.14 -23.89
N PRO B 267 12.47 7.19 -23.84
CA PRO B 267 12.42 6.12 -22.86
C PRO B 267 12.42 6.60 -21.40
N LEU B 268 11.82 5.76 -20.57
CA LEU B 268 11.68 6.01 -19.15
C LEU B 268 12.23 4.80 -18.38
N ASP B 269 13.53 4.72 -18.22
CA ASP B 269 14.15 3.48 -17.71
C ASP B 269 15.44 3.87 -17.06
N LEU B 270 15.38 4.22 -15.79
CA LEU B 270 16.56 4.54 -15.01
C LEU B 270 16.59 3.68 -13.80
N SER B 271 17.79 3.43 -13.32
CA SER B 271 18.00 2.57 -12.19
C SER B 271 17.75 3.32 -10.91
N ALA B 272 17.51 2.56 -9.85
CA ALA B 272 17.39 3.14 -8.52
C ALA B 272 18.55 4.07 -8.21
N GLU B 273 19.79 3.65 -8.56
CA GLU B 273 20.99 4.40 -8.13
C GLU B 273 21.12 5.64 -8.99
N GLU B 274 20.75 5.57 -10.25
CA GLU B 274 20.82 6.78 -11.06
C GLU B 274 19.77 7.79 -10.62
N LEU B 275 18.63 7.31 -10.12
CA LEU B 275 17.63 8.19 -9.57
C LEU B 275 18.17 8.86 -8.35
N ASP B 276 18.79 8.06 -7.49
CA ASP B 276 19.41 8.59 -6.26
C ASP B 276 20.52 9.63 -6.53
N ILE B 277 21.34 9.42 -7.54
CA ILE B 277 22.40 10.39 -7.85
C ILE B 277 21.78 11.71 -8.33
N ARG B 278 20.80 11.62 -9.23
CA ARG B 278 20.13 12.81 -9.68
C ARG B 278 19.39 13.54 -8.55
N MET B 279 18.82 12.81 -7.59
CA MET B 279 18.11 13.45 -6.46
C MET B 279 19.08 14.29 -5.65
N ARG B 280 20.19 13.67 -5.34
CA ARG B 280 21.30 14.28 -4.61
C ARG B 280 21.82 15.54 -5.31
N GLN B 281 21.99 15.47 -6.62
CA GLN B 281 22.51 16.61 -7.41
C GLN B 281 21.52 17.78 -7.64
N ARG B 282 20.28 17.42 -7.89
CA ARG B 282 19.29 18.40 -8.31
C ARG B 282 18.19 18.86 -7.40
N ILE B 283 17.94 18.13 -6.34
CA ILE B 283 16.83 18.45 -5.48
C ILE B 283 17.36 19.04 -4.20
N ILE B 284 16.83 20.20 -3.80
CA ILE B 284 17.21 20.79 -2.50
C ILE B 284 16.48 20.04 -1.38
N GLU B 285 17.23 19.73 -0.33
CA GLU B 285 16.74 18.97 0.81
C GLU B 285 16.52 17.49 0.45
N GLU B 286 16.38 16.67 1.47
CA GLU B 286 16.19 15.24 1.34
C GLU B 286 14.72 14.88 1.07
N ASN B 287 14.41 14.07 0.09
CA ASN B 287 13.02 13.58 0.02
C ASN B 287 12.67 12.83 1.33
N ARG B 288 11.40 12.90 1.75
CA ARG B 288 10.97 12.17 2.92
C ARG B 288 10.43 10.79 2.55
N TYR B 289 9.87 10.64 1.36
CA TYR B 289 9.22 9.35 1.00
C TYR B 289 10.06 8.66 -0.03
N LEU B 290 10.46 9.42 -1.07
CA LEU B 290 10.97 8.81 -2.30
C LEU B 290 12.48 8.73 -2.34
N ASP B 291 13.01 7.52 -2.45
CA ASP B 291 14.37 7.27 -3.02
C ASP B 291 14.21 6.40 -4.26
N GLY B 292 15.30 6.03 -4.90
CA GLY B 292 15.15 5.38 -6.19
C GLY B 292 14.65 3.97 -6.08
N LYS B 293 15.10 3.27 -5.04
CA LYS B 293 14.49 2.00 -4.75
C LYS B 293 12.98 2.06 -4.54
N THR B 294 12.54 3.06 -3.81
CA THR B 294 11.11 3.23 -3.58
C THR B 294 10.41 3.43 -4.93
N PHE B 295 11.02 4.18 -5.86
CA PHE B 295 10.38 4.29 -7.15
C PHE B 295 10.31 2.97 -7.91
N VAL B 296 11.35 2.15 -7.85
CA VAL B 296 11.35 0.93 -8.64
C VAL B 296 10.25 -0.02 -8.10
N SER B 297 10.17 -0.10 -6.79
CA SER B 297 9.09 -0.83 -6.11
C SER B 297 7.69 -0.30 -6.53
N SER B 298 7.52 1.02 -6.49
CA SER B 298 6.30 1.66 -6.89
C SER B 298 5.83 1.29 -8.29
N SER B 299 6.80 1.11 -9.20
CA SER B 299 6.49 0.87 -10.61
C SER B 299 6.42 -0.58 -10.94
N THR B 300 6.58 -1.42 -9.94
CA THR B 300 6.39 -2.86 -10.08
C THR B 300 5.05 -3.20 -9.44
N LEU B 301 4.03 -3.28 -10.25
CA LEU B 301 2.70 -3.41 -9.76
C LEU B 301 2.48 -4.85 -9.48
N SER B 302 1.48 -5.16 -8.70
CA SER B 302 1.22 -6.56 -8.34
C SER B 302 0.55 -7.31 -9.52
N LYS B 303 0.50 -8.63 -9.40
CA LYS B 303 0.00 -9.53 -10.45
C LYS B 303 -1.33 -9.08 -11.01
N ALA B 304 -2.29 -8.86 -10.13
CA ALA B 304 -3.66 -8.57 -10.60
C ALA B 304 -3.75 -7.19 -11.20
N VAL B 305 -2.98 -6.27 -10.65
CA VAL B 305 -2.99 -4.92 -11.18
C VAL B 305 -2.37 -4.86 -12.59
N ARG B 306 -1.26 -5.54 -12.79
CA ARG B 306 -0.60 -5.63 -14.10
C ARG B 306 -1.50 -6.27 -15.13
N ASN B 307 -2.15 -7.35 -14.76
CA ASN B 307 -3.11 -8.03 -15.64
C ASN B 307 -4.20 -7.08 -16.09
N SER B 308 -4.80 -6.34 -15.15
CA SER B 308 -5.84 -5.36 -15.50
C SER B 308 -5.34 -4.33 -16.48
N LEU B 309 -4.20 -3.72 -16.17
CA LEU B 309 -3.67 -2.67 -17.04
C LEU B 309 -3.31 -3.16 -18.43
N ASN B 310 -2.75 -4.36 -18.50
CA ASN B 310 -2.37 -4.97 -19.76
C ASN B 310 -3.57 -5.40 -20.62
N ASN B 311 -4.66 -5.83 -20.01
CA ASN B 311 -5.89 -6.24 -20.74
C ASN B 311 -6.86 -5.12 -20.99
N GLU B 312 -6.55 -3.91 -20.49
CA GLU B 312 -7.47 -2.83 -20.57
C GLU B 312 -7.68 -2.36 -22.02
N THR B 313 -8.95 -2.28 -22.43
CA THR B 313 -9.34 -1.81 -23.80
C THR B 313 -10.04 -0.44 -23.84
N HIS B 314 -10.50 0.04 -22.70
CA HIS B 314 -11.20 1.32 -22.60
C HIS B 314 -10.30 2.53 -22.73
N VAL B 315 -10.74 3.50 -23.54
CA VAL B 315 -9.99 4.72 -23.84
C VAL B 315 -10.95 5.88 -23.62
N TYR B 316 -10.55 6.90 -22.86
CA TYR B 316 -11.38 8.06 -22.64
C TYR B 316 -11.40 8.93 -23.91
N THR B 317 -12.59 9.24 -24.43
CA THR B 317 -12.75 10.09 -25.66
C THR B 317 -13.73 11.25 -25.45
N GLU B 318 -13.53 12.31 -26.24
CA GLU B 318 -14.36 13.57 -26.34
C GLU B 318 -13.45 14.80 -26.20
#